data_9GY5
#
_entry.id   9GY5
#
_cell.length_a   79.217
_cell.length_b   79.217
_cell.length_c   274.532
_cell.angle_alpha   90.000
_cell.angle_beta   90.000
_cell.angle_gamma   120.000
#
_symmetry.space_group_name_H-M   'P 64 2 2'
#
loop_
_entity.id
_entity.type
_entity.pdbx_description
1 polymer 'Catalytic domain from the BoNT-like toxin complex PG1 of Paeniclostridium ghonii'
2 non-polymer 'ZINC ION'
3 non-polymer 'SULFATE ION'
4 non-polymer 'ACETATE ION'
5 non-polymer GLYCEROL
6 water water
#
_entity_poly.entity_id   1
_entity_poly.type   'polypeptide(L)'
_entity_poly.pdbx_seq_one_letter_code
;GHMIPINIKDFNYSDPVNNQDIILVKNEKGSFDKGFFVADKILLVPARYGNISTDEGGITSKKEKAHVDKKIYLETDSEK
NEYLKNMTTLLKRMNSYSTGNKLLNLIIKGEPIYSKDLQGKFIEQTPSRYLDTNTGKRRVNVMITGPGSNVLTKKCTHNG
MGLENDPNGKHSNGTGILSTIEFSPNYLIAYNKCVADPVLTLFHELVHSMHNLYGIAFPDNVKVPYNALKDKNLVSGEEA
LSEILTFGGKDLTTEHLETLWKKLAETVIIVKDFVKTDTQAKDVFLNNLRFLSKNENIKIDTIEDIVNGTLKIKNNISNL
TECEFCKEIGDVRIRTRYAVHSEDVTPVEVVDFKNNYKLNSGFLEGQDISKKYFITNPPKMRRRALRNFKCTIQ
;
_entity_poly.pdbx_strand_id   A
#
# COMPACT_ATOMS: atom_id res chain seq x y z
N HIS A 2 12.56 14.56 12.54
CA HIS A 2 11.37 13.70 12.81
C HIS A 2 10.45 13.71 11.59
N MET A 3 9.47 14.62 11.55
CA MET A 3 8.43 14.63 10.52
C MET A 3 8.94 15.35 9.27
N ILE A 4 8.89 14.65 8.13
CA ILE A 4 9.29 15.21 6.85
C ILE A 4 8.05 15.80 6.16
N PRO A 5 8.03 17.13 5.91
CA PRO A 5 6.84 17.77 5.34
C PRO A 5 6.39 17.11 4.03
N ILE A 6 5.11 16.74 4.00
CA ILE A 6 4.47 16.30 2.77
C ILE A 6 3.20 17.15 2.61
N ASN A 7 3.09 17.79 1.44
CA ASN A 7 1.91 18.57 1.10
C ASN A 7 0.91 17.63 0.43
N ILE A 8 -0.15 17.28 1.15
CA ILE A 8 -1.25 16.53 0.59
C ILE A 8 -2.32 17.52 0.11
N LYS A 9 -2.58 17.52 -1.20
CA LYS A 9 -3.41 18.55 -1.82
C LYS A 9 -4.89 18.20 -1.70
N ASP A 10 -5.71 19.24 -1.49
CA ASP A 10 -7.15 19.13 -1.50
C ASP A 10 -7.67 19.49 -2.88
N PHE A 11 -8.58 18.67 -3.41
CA PHE A 11 -9.22 18.93 -4.69
C PHE A 11 -10.73 18.77 -4.56
N ASN A 12 -11.47 19.49 -5.40
CA ASN A 12 -12.85 19.16 -5.71
C ASN A 12 -12.88 18.38 -7.02
N TYR A 13 -13.79 17.42 -7.15
CA TYR A 13 -13.87 16.61 -8.35
C TYR A 13 -14.07 17.50 -9.59
N SER A 14 -14.74 18.64 -9.42
CA SER A 14 -15.07 19.53 -10.54
C SER A 14 -13.87 20.35 -10.99
N ASP A 15 -12.76 20.36 -10.23
CA ASP A 15 -11.58 21.12 -10.63
C ASP A 15 -11.14 20.67 -12.02
N PRO A 16 -10.92 21.59 -12.98
CA PRO A 16 -10.55 21.20 -14.35
C PRO A 16 -9.25 20.42 -14.48
N VAL A 17 -9.25 19.47 -15.42
CA VAL A 17 -8.05 18.80 -15.89
C VAL A 17 -7.05 19.87 -16.34
N ASN A 18 -5.80 19.73 -15.90
CA ASN A 18 -4.75 20.71 -16.18
C ASN A 18 -3.49 20.03 -16.72
N ASN A 19 -3.47 18.70 -16.78
CA ASN A 19 -2.34 17.91 -17.26
C ASN A 19 -1.14 17.96 -16.31
N GLN A 20 -1.31 18.53 -15.11
CA GLN A 20 -0.24 18.58 -14.12
C GLN A 20 -0.64 17.68 -12.94
N ASP A 21 -1.40 18.23 -11.98
CA ASP A 21 -1.85 17.46 -10.84
C ASP A 21 -3.28 16.94 -11.02
N ILE A 22 -4.00 17.41 -12.05
CA ILE A 22 -5.28 16.84 -12.43
C ILE A 22 -5.20 16.37 -13.88
N ILE A 23 -5.31 15.05 -14.06
CA ILE A 23 -5.06 14.40 -15.34
C ILE A 23 -6.24 13.49 -15.68
N LEU A 24 -6.14 12.85 -16.84
CA LEU A 24 -7.06 11.81 -17.25
C LEU A 24 -6.28 10.51 -17.45
N VAL A 25 -6.62 9.51 -16.65
CA VAL A 25 -5.98 8.20 -16.72
C VAL A 25 -6.71 7.38 -17.76
N LYS A 26 -5.96 6.75 -18.68
CA LYS A 26 -6.52 5.80 -19.63
C LYS A 26 -6.78 4.49 -18.90
N ASN A 27 -8.03 4.03 -18.86
CA ASN A 27 -8.35 2.80 -18.14
C ASN A 27 -8.29 1.62 -19.09
N GLU A 28 -8.65 0.43 -18.58
CA GLU A 28 -8.53 -0.83 -19.29
C GLU A 28 -9.44 -0.86 -20.51
N LYS A 29 -10.60 -0.20 -20.41
CA LYS A 29 -11.57 -0.15 -21.49
C LYS A 29 -11.18 0.89 -22.54
N GLY A 30 -10.15 1.71 -22.26
CA GLY A 30 -9.71 2.73 -23.19
C GLY A 30 -10.49 4.05 -23.06
N SER A 31 -11.37 4.16 -22.06
CA SER A 31 -11.96 5.44 -21.70
C SER A 31 -11.09 6.10 -20.63
N PHE A 32 -11.50 7.30 -20.16
CA PHE A 32 -10.66 8.12 -19.30
C PHE A 32 -11.37 8.43 -17.98
N ASP A 33 -10.62 8.29 -16.88
CA ASP A 33 -11.07 8.68 -15.55
C ASP A 33 -10.19 9.82 -15.04
N LYS A 34 -10.81 10.81 -14.41
CA LYS A 34 -10.06 11.91 -13.81
C LYS A 34 -9.23 11.37 -12.66
N GLY A 35 -7.95 11.78 -12.64
CA GLY A 35 -7.02 11.43 -11.59
C GLY A 35 -6.41 12.68 -10.96
N PHE A 36 -6.15 12.59 -9.65
CA PHE A 36 -5.70 13.72 -8.85
C PHE A 36 -4.44 13.33 -8.09
N PHE A 37 -3.34 14.02 -8.37
CA PHE A 37 -2.08 13.80 -7.68
C PHE A 37 -2.11 14.53 -6.35
N VAL A 38 -2.58 13.82 -5.31
CA VAL A 38 -2.71 14.37 -3.97
C VAL A 38 -1.32 14.60 -3.37
N ALA A 39 -0.34 13.78 -3.81
CA ALA A 39 1.07 14.02 -3.52
C ALA A 39 1.89 13.53 -4.70
N ASP A 40 3.18 13.89 -4.72
CA ASP A 40 4.09 13.46 -5.78
C ASP A 40 3.98 11.94 -5.95
N LYS A 41 3.62 11.49 -7.16
CA LYS A 41 3.62 10.08 -7.55
C LYS A 41 2.48 9.28 -6.92
N ILE A 42 1.59 9.94 -6.17
CA ILE A 42 0.44 9.29 -5.57
C ILE A 42 -0.84 9.81 -6.23
N LEU A 43 -1.46 8.95 -7.03
CA LEU A 43 -2.58 9.34 -7.88
C LEU A 43 -3.88 8.77 -7.33
N LEU A 44 -4.85 9.65 -7.05
CA LEU A 44 -6.15 9.25 -6.51
C LEU A 44 -7.20 9.35 -7.62
N VAL A 45 -7.86 8.23 -7.91
CA VAL A 45 -8.77 8.12 -9.05
C VAL A 45 -10.15 7.70 -8.56
N PRO A 46 -11.11 8.66 -8.43
CA PRO A 46 -12.47 8.34 -8.00
C PRO A 46 -13.30 7.68 -9.11
N ALA A 47 -13.12 6.35 -9.21
CA ALA A 47 -13.79 5.51 -10.18
C ALA A 47 -13.74 4.07 -9.67
N ARG A 48 -14.61 3.21 -10.22
CA ARG A 48 -14.55 1.79 -9.95
C ARG A 48 -13.41 1.18 -10.77
N TYR A 49 -12.81 0.10 -10.26
CA TYR A 49 -11.71 -0.59 -10.91
C TYR A 49 -12.24 -1.73 -11.78
N GLY A 50 -11.78 -1.80 -13.02
CA GLY A 50 -12.24 -2.82 -13.96
C GLY A 50 -13.64 -2.49 -14.49
N ASN A 51 -14.30 -3.50 -15.07
CA ASN A 51 -15.63 -3.35 -15.63
C ASN A 51 -16.65 -3.81 -14.58
N ILE A 52 -17.50 -2.87 -14.14
CA ILE A 52 -18.45 -3.10 -13.06
C ILE A 52 -19.81 -3.42 -13.68
N SER A 53 -20.42 -4.53 -13.23
CA SER A 53 -21.76 -4.91 -13.65
C SER A 53 -22.63 -5.32 -12.45
N THR A 54 -22.14 -5.07 -11.23
CA THR A 54 -22.83 -5.45 -10.00
C THR A 54 -23.22 -4.19 -9.23
N ASP A 55 -22.69 -4.03 -8.01
CA ASP A 55 -23.11 -2.94 -7.13
C ASP A 55 -22.34 -1.68 -7.48
N ILE A 72 -25.36 3.18 -9.16
CA ILE A 72 -24.12 2.35 -9.03
C ILE A 72 -23.04 3.18 -8.34
N TYR A 73 -22.40 2.58 -7.32
CA TYR A 73 -21.45 3.28 -6.48
C TYR A 73 -20.33 3.87 -7.33
N LEU A 74 -20.09 5.18 -7.13
CA LEU A 74 -19.01 5.94 -7.72
C LEU A 74 -19.26 6.34 -9.16
N GLU A 75 -20.52 6.33 -9.63
CA GLU A 75 -20.81 6.76 -10.98
C GLU A 75 -21.09 8.26 -11.04
N THR A 76 -21.69 8.81 -9.98
CA THR A 76 -22.10 10.20 -9.99
C THR A 76 -20.94 11.10 -9.58
N ASP A 77 -20.98 12.34 -10.08
CA ASP A 77 -20.02 13.37 -9.72
C ASP A 77 -19.99 13.58 -8.21
N SER A 78 -21.17 13.62 -7.57
CA SER A 78 -21.24 13.87 -6.14
C SER A 78 -20.51 12.76 -5.36
N GLU A 79 -20.69 11.50 -5.76
CA GLU A 79 -20.02 10.38 -5.11
C GLU A 79 -18.52 10.41 -5.38
N LYS A 80 -18.11 10.79 -6.59
CA LYS A 80 -16.70 10.91 -6.92
C LYS A 80 -16.05 11.98 -6.04
N ASN A 81 -16.75 13.11 -5.84
CA ASN A 81 -16.25 14.20 -5.02
C ASN A 81 -16.10 13.74 -3.57
N GLU A 82 -17.10 13.01 -3.07
CA GLU A 82 -17.09 12.49 -1.71
C GLU A 82 -15.92 11.52 -1.51
N TYR A 83 -15.72 10.62 -2.48
CA TYR A 83 -14.63 9.65 -2.43
C TYR A 83 -13.30 10.39 -2.31
N LEU A 84 -13.13 11.39 -3.16
CA LEU A 84 -11.92 12.19 -3.19
C LEU A 84 -11.66 12.84 -1.82
N LYS A 85 -12.71 13.44 -1.25
CA LYS A 85 -12.60 14.12 0.03
C LYS A 85 -12.29 13.12 1.16
N ASN A 86 -12.97 11.97 1.15
CA ASN A 86 -12.87 11.02 2.23
C ASN A 86 -11.51 10.34 2.19
N MET A 87 -11.02 9.99 1.00
CA MET A 87 -9.74 9.32 0.88
C MET A 87 -8.64 10.30 1.27
N THR A 88 -8.84 11.59 0.95
CA THR A 88 -7.85 12.59 1.28
C THR A 88 -7.81 12.78 2.80
N THR A 89 -8.97 12.69 3.46
CA THR A 89 -9.02 12.73 4.91
C THR A 89 -8.17 11.60 5.50
N LEU A 90 -8.32 10.39 4.97
CA LEU A 90 -7.55 9.24 5.44
C LEU A 90 -6.05 9.46 5.28
N LEU A 91 -5.64 10.03 4.13
CA LEU A 91 -4.24 10.25 3.85
C LEU A 91 -3.68 11.31 4.79
N LYS A 92 -4.43 12.39 5.02
CA LYS A 92 -3.97 13.45 5.90
C LYS A 92 -3.85 12.96 7.33
N ARG A 93 -4.82 12.16 7.79
CA ARG A 93 -4.79 11.56 9.11
C ARG A 93 -3.53 10.71 9.26
N MET A 94 -3.35 9.79 8.32
CA MET A 94 -2.19 8.90 8.27
C MET A 94 -0.90 9.70 8.37
N ASN A 95 -0.84 10.82 7.64
CA ASN A 95 0.34 11.66 7.54
C ASN A 95 0.58 12.43 8.85
N SER A 96 -0.43 12.48 9.73
CA SER A 96 -0.32 13.15 11.03
C SER A 96 0.53 12.36 12.00
N TYR A 97 0.74 11.06 11.72
CA TYR A 97 1.49 10.20 12.61
C TYR A 97 2.82 9.80 11.99
N SER A 98 3.84 9.69 12.85
CA SER A 98 5.21 9.40 12.46
C SER A 98 5.28 8.21 11.50
N THR A 99 4.53 7.15 11.83
CA THR A 99 4.52 5.93 11.04
C THR A 99 3.91 6.20 9.65
N GLY A 100 2.77 6.89 9.62
CA GLY A 100 2.10 7.22 8.37
C GLY A 100 2.97 8.12 7.48
N ASN A 101 3.53 9.17 8.09
CA ASN A 101 4.38 10.12 7.38
C ASN A 101 5.61 9.44 6.81
N LYS A 102 6.19 8.52 7.59
CA LYS A 102 7.39 7.81 7.18
C LYS A 102 7.08 6.93 5.96
N LEU A 103 5.98 6.18 6.03
CA LEU A 103 5.53 5.33 4.93
C LEU A 103 5.33 6.15 3.66
N LEU A 104 4.59 7.27 3.75
CA LEU A 104 4.25 8.04 2.56
C LEU A 104 5.52 8.60 1.91
N ASN A 105 6.52 8.94 2.73
CA ASN A 105 7.79 9.43 2.22
C ASN A 105 8.49 8.36 1.38
N LEU A 106 8.55 7.13 1.89
CA LEU A 106 9.15 6.04 1.15
C LEU A 106 8.44 5.87 -0.20
N ILE A 107 7.10 5.95 -0.18
CA ILE A 107 6.30 5.77 -1.38
C ILE A 107 6.58 6.89 -2.38
N ILE A 108 6.67 8.14 -1.89
CA ILE A 108 6.92 9.26 -2.77
C ILE A 108 8.30 9.14 -3.40
N LYS A 109 9.31 8.71 -2.61
CA LYS A 109 10.69 8.87 -3.00
C LYS A 109 11.21 7.68 -3.81
N GLY A 110 10.50 6.54 -3.73
CA GLY A 110 10.98 5.32 -4.37
C GLY A 110 10.93 5.41 -5.89
N GLU A 111 11.79 4.62 -6.55
CA GLU A 111 11.89 4.61 -8.00
C GLU A 111 12.10 3.17 -8.45
N PRO A 112 11.13 2.52 -9.11
CA PRO A 112 11.35 1.18 -9.64
C PRO A 112 12.54 1.19 -10.58
N ILE A 113 13.33 0.11 -10.55
CA ILE A 113 14.54 -0.01 -11.34
C ILE A 113 14.16 -0.06 -12.82
N TYR A 114 15.04 0.47 -13.66
CA TYR A 114 14.88 0.43 -15.11
C TYR A 114 14.93 -1.02 -15.58
N SER A 115 14.32 -1.27 -16.74
CA SER A 115 14.29 -2.60 -17.36
C SER A 115 15.39 -2.71 -18.42
N LYS A 116 15.78 -3.94 -18.74
CA LYS A 116 16.77 -4.21 -19.78
C LYS A 116 16.08 -4.74 -21.03
N ASP A 117 16.36 -4.13 -22.19
CA ASP A 117 15.88 -4.63 -23.47
C ASP A 117 16.73 -5.84 -23.88
N LEU A 118 16.51 -6.32 -25.11
CA LEU A 118 17.14 -7.54 -25.59
C LEU A 118 18.64 -7.34 -25.78
N GLN A 119 19.08 -6.09 -25.95
CA GLN A 119 20.48 -5.76 -26.16
C GLN A 119 21.23 -5.65 -24.83
N GLY A 120 20.51 -5.75 -23.71
CA GLY A 120 21.08 -5.56 -22.39
C GLY A 120 21.17 -4.08 -22.02
N LYS A 121 20.46 -3.25 -22.77
CA LYS A 121 20.44 -1.81 -22.56
C LYS A 121 19.25 -1.47 -21.65
N PHE A 122 19.46 -0.47 -20.76
CA PHE A 122 18.47 -0.09 -19.78
C PHE A 122 17.53 0.95 -20.37
N ILE A 123 16.24 0.83 -20.04
CA ILE A 123 15.23 1.78 -20.50
C ILE A 123 14.41 2.25 -19.30
N GLU A 124 14.18 3.57 -19.25
CA GLU A 124 13.62 4.27 -18.11
C GLU A 124 12.09 4.37 -18.22
N GLN A 125 11.58 4.46 -19.45
CA GLN A 125 10.14 4.64 -19.63
C GLN A 125 9.50 3.27 -19.83
N THR A 126 8.95 2.71 -18.75
CA THR A 126 8.46 1.34 -18.70
C THR A 126 7.10 1.31 -18.00
N PRO A 127 6.28 0.26 -18.25
CA PRO A 127 4.99 0.10 -17.57
C PRO A 127 5.07 -0.11 -16.06
N SER A 128 6.25 -0.50 -15.56
CA SER A 128 6.51 -0.60 -14.14
C SER A 128 6.59 0.78 -13.49
N ARG A 129 6.89 1.80 -14.29
CA ARG A 129 7.13 3.15 -13.77
C ARG A 129 6.08 4.17 -14.24
N TYR A 130 5.33 3.87 -15.32
CA TYR A 130 4.50 4.87 -15.97
C TYR A 130 3.09 4.32 -16.21
N LEU A 131 2.09 5.19 -16.01
CA LEU A 131 0.72 4.93 -16.42
C LEU A 131 0.39 5.75 -17.67
N ASP A 132 -0.57 5.24 -18.45
CA ASP A 132 -1.02 5.91 -19.67
C ASP A 132 -2.07 6.95 -19.31
N THR A 133 -1.96 8.14 -19.92
CA THR A 133 -2.88 9.23 -19.73
C THR A 133 -3.28 9.75 -21.10
N ASN A 134 -4.18 10.73 -21.13
CA ASN A 134 -4.63 11.26 -22.41
C ASN A 134 -3.51 12.07 -23.08
N THR A 135 -2.50 12.51 -22.32
CA THR A 135 -1.34 13.20 -22.87
C THR A 135 -0.12 12.28 -22.95
N GLY A 136 -0.29 10.98 -22.73
CA GLY A 136 0.84 10.05 -22.78
C GLY A 136 1.28 9.61 -21.39
N LYS A 137 2.53 9.17 -21.27
CA LYS A 137 3.01 8.45 -20.11
C LYS A 137 3.21 9.39 -18.93
N ARG A 138 2.77 8.96 -17.74
CA ARG A 138 3.00 9.74 -16.53
C ARG A 138 3.56 8.81 -15.44
N ARG A 139 4.56 9.33 -14.73
CA ARG A 139 5.20 8.61 -13.64
C ARG A 139 4.23 8.50 -12.46
N VAL A 140 3.93 7.26 -12.06
CA VAL A 140 3.11 6.99 -10.88
C VAL A 140 3.82 5.92 -10.05
N ASN A 141 3.74 6.05 -8.72
CA ASN A 141 4.22 5.02 -7.80
C ASN A 141 3.05 4.21 -7.27
N VAL A 142 1.97 4.89 -6.88
CA VAL A 142 0.76 4.19 -6.44
C VAL A 142 -0.46 4.96 -6.95
N MET A 143 -1.38 4.22 -7.58
CA MET A 143 -2.69 4.71 -7.92
C MET A 143 -3.70 4.14 -6.93
N ILE A 144 -4.43 5.03 -6.25
CA ILE A 144 -5.48 4.62 -5.32
C ILE A 144 -6.81 4.87 -6.01
N THR A 145 -7.65 3.84 -6.09
CA THR A 145 -8.92 3.96 -6.81
C THR A 145 -9.97 3.13 -6.11
N GLY A 146 -11.20 3.17 -6.65
CA GLY A 146 -12.32 2.50 -6.02
C GLY A 146 -12.26 1.00 -6.24
N PRO A 147 -13.14 0.23 -5.55
CA PRO A 147 -13.19 -1.22 -5.72
C PRO A 147 -13.77 -1.67 -7.06
N GLY A 148 -13.60 -2.97 -7.35
CA GLY A 148 -14.25 -3.60 -8.49
C GLY A 148 -15.71 -3.93 -8.16
N SER A 149 -16.17 -5.10 -8.65
CA SER A 149 -17.58 -5.46 -8.57
C SER A 149 -18.04 -5.62 -7.13
N ASN A 150 -17.13 -6.04 -6.24
CA ASN A 150 -17.42 -6.13 -4.82
C ASN A 150 -16.94 -4.84 -4.13
N VAL A 151 -17.89 -4.07 -3.59
CA VAL A 151 -17.58 -2.78 -3.02
C VAL A 151 -16.67 -2.91 -1.80
N LEU A 152 -16.58 -4.13 -1.22
CA LEU A 152 -15.80 -4.37 -0.02
C LEU A 152 -14.32 -4.64 -0.33
N THR A 153 -13.97 -4.86 -1.61
CA THR A 153 -12.62 -5.28 -1.97
C THR A 153 -11.62 -4.20 -1.57
N LYS A 154 -10.62 -4.62 -0.79
CA LYS A 154 -9.45 -3.82 -0.50
C LYS A 154 -8.22 -4.68 -0.82
N LYS A 155 -7.42 -4.21 -1.77
CA LYS A 155 -6.40 -5.04 -2.41
C LYS A 155 -5.35 -4.15 -3.05
N CYS A 156 -4.10 -4.62 -3.04
CA CYS A 156 -3.00 -3.93 -3.70
C CYS A 156 -2.50 -4.83 -4.83
N THR A 157 -2.64 -4.35 -6.07
CA THR A 157 -2.22 -5.14 -7.23
C THR A 157 -1.05 -4.47 -7.93
N HIS A 158 -0.28 -5.30 -8.62
CA HIS A 158 0.76 -4.85 -9.53
C HIS A 158 0.55 -5.59 -10.85
N ASN A 159 0.43 -4.84 -11.95
CA ASN A 159 0.19 -5.44 -13.26
C ASN A 159 -1.01 -6.41 -13.19
N GLY A 160 -2.02 -6.03 -12.38
CA GLY A 160 -3.25 -6.79 -12.27
C GLY A 160 -3.15 -8.00 -11.35
N MET A 161 -2.00 -8.17 -10.66
CA MET A 161 -1.71 -9.38 -9.92
C MET A 161 -1.44 -9.04 -8.45
N GLY A 162 -1.52 -10.06 -7.59
CA GLY A 162 -1.36 -9.90 -6.15
C GLY A 162 -0.01 -10.41 -5.67
N LEU A 163 0.14 -10.48 -4.33
CA LEU A 163 1.42 -10.80 -3.69
C LEU A 163 1.89 -12.21 -4.04
N GLU A 164 0.94 -13.17 -4.05
CA GLU A 164 1.27 -14.58 -4.12
C GLU A 164 0.92 -15.14 -5.50
N ASN A 165 0.62 -14.24 -6.43
CA ASN A 165 0.03 -14.58 -7.72
C ASN A 165 1.11 -14.66 -8.79
N ASP A 166 2.29 -14.10 -8.51
CA ASP A 166 3.24 -13.73 -9.54
C ASP A 166 4.65 -14.18 -9.14
N PRO A 167 4.99 -15.49 -9.28
CA PRO A 167 6.35 -15.95 -9.01
C PRO A 167 7.40 -15.18 -9.80
N ASN A 168 8.47 -14.76 -9.10
CA ASN A 168 9.59 -14.04 -9.70
C ASN A 168 9.12 -12.76 -10.36
N GLY A 169 8.14 -12.09 -9.74
CA GLY A 169 7.63 -10.81 -10.23
C GLY A 169 8.54 -9.65 -9.80
N LYS A 170 8.33 -8.49 -10.41
CA LYS A 170 9.12 -7.30 -10.12
C LYS A 170 8.82 -6.77 -8.72
N HIS A 171 7.69 -7.18 -8.14
CA HIS A 171 7.35 -6.77 -6.79
C HIS A 171 8.20 -7.48 -5.74
N SER A 172 8.86 -8.58 -6.12
CA SER A 172 9.55 -9.40 -5.13
C SER A 172 11.01 -9.70 -5.48
N ASN A 173 11.50 -9.15 -6.61
CA ASN A 173 12.85 -9.50 -7.07
C ASN A 173 13.80 -8.31 -6.95
N GLY A 174 13.42 -7.28 -6.20
CA GLY A 174 14.29 -6.16 -5.93
C GLY A 174 14.23 -5.05 -6.98
N THR A 175 13.53 -5.26 -8.12
CA THR A 175 13.49 -4.25 -9.17
C THR A 175 12.33 -3.28 -8.91
N GLY A 176 11.17 -3.80 -8.53
CA GLY A 176 10.08 -2.95 -8.06
C GLY A 176 9.10 -2.56 -9.18
N ILE A 177 7.90 -2.13 -8.76
CA ILE A 177 6.80 -1.87 -9.66
C ILE A 177 5.76 -1.01 -8.95
N LEU A 178 5.10 -0.14 -9.71
CA LEU A 178 4.00 0.67 -9.21
C LEU A 178 2.81 -0.25 -8.90
N SER A 179 1.95 0.21 -7.99
CA SER A 179 0.80 -0.57 -7.55
C SER A 179 -0.50 0.18 -7.83
N THR A 180 -1.60 -0.57 -7.98
CA THR A 180 -2.94 -0.01 -7.91
C THR A 180 -3.62 -0.56 -6.66
N ILE A 181 -4.11 0.33 -5.81
CA ILE A 181 -4.90 -0.05 -4.65
C ILE A 181 -6.39 0.16 -4.96
N GLU A 182 -7.19 -0.88 -4.73
CA GLU A 182 -8.63 -0.79 -4.76
C GLU A 182 -9.13 -0.60 -3.33
N PHE A 183 -9.99 0.38 -3.11
CA PHE A 183 -10.38 0.72 -1.73
C PHE A 183 -11.61 1.62 -1.74
N SER A 184 -12.64 1.23 -0.96
CA SER A 184 -13.74 2.13 -0.65
C SER A 184 -13.74 2.44 0.84
N PRO A 185 -13.83 3.73 1.24
CA PRO A 185 -13.93 4.09 2.66
C PRO A 185 -15.35 4.08 3.23
N ASN A 186 -16.36 3.85 2.38
CA ASN A 186 -17.76 3.90 2.78
C ASN A 186 -18.32 2.51 3.05
N TYR A 187 -17.65 1.46 2.53
CA TYR A 187 -18.06 0.09 2.76
C TYR A 187 -16.91 -0.66 3.43
N LEU A 188 -17.14 -1.19 4.64
CA LEU A 188 -16.08 -1.70 5.50
C LEU A 188 -16.48 -3.04 6.12
N ILE A 189 -15.51 -3.67 6.81
CA ILE A 189 -15.70 -4.95 7.46
C ILE A 189 -15.60 -4.76 8.98
N ALA A 190 -16.48 -5.45 9.71
CA ALA A 190 -16.40 -5.55 11.16
C ALA A 190 -15.85 -6.92 11.56
N TYR A 191 -14.82 -6.92 12.40
CA TYR A 191 -14.31 -8.13 13.03
C TYR A 191 -14.86 -8.19 14.45
N ASN A 192 -15.68 -9.21 14.72
CA ASN A 192 -16.29 -9.41 16.04
C ASN A 192 -16.87 -8.08 16.54
N LYS A 193 -17.74 -7.47 15.72
CA LYS A 193 -18.54 -6.31 16.11
C LYS A 193 -17.71 -5.02 16.11
N CYS A 194 -16.44 -5.10 15.71
CA CYS A 194 -15.56 -3.94 15.69
C CYS A 194 -15.17 -3.59 14.25
N VAL A 195 -15.70 -2.48 13.75
CA VAL A 195 -15.45 -2.04 12.39
C VAL A 195 -13.99 -1.59 12.26
N ALA A 196 -13.26 -2.22 11.33
CA ALA A 196 -11.88 -1.84 11.07
C ALA A 196 -11.82 -0.37 10.67
N ASP A 197 -10.93 0.39 11.31
CA ASP A 197 -10.77 1.80 10.99
C ASP A 197 -10.11 1.91 9.61
N PRO A 198 -10.74 2.58 8.62
CA PRO A 198 -10.20 2.60 7.26
C PRO A 198 -8.82 3.21 7.11
N VAL A 199 -8.40 4.05 8.06
CA VAL A 199 -7.04 4.60 8.01
C VAL A 199 -6.03 3.47 8.25
N LEU A 200 -6.38 2.51 9.12
CA LEU A 200 -5.56 1.34 9.35
C LEU A 200 -5.54 0.44 8.11
N THR A 201 -6.71 0.19 7.50
CA THR A 201 -6.78 -0.66 6.33
C THR A 201 -6.05 0.01 5.15
N LEU A 202 -6.15 1.33 5.02
CA LEU A 202 -5.51 2.02 3.91
C LEU A 202 -3.99 2.01 4.11
N PHE A 203 -3.55 2.22 5.36
CA PHE A 203 -2.14 2.09 5.71
C PHE A 203 -1.63 0.71 5.32
N HIS A 204 -2.41 -0.32 5.68
CA HIS A 204 -2.09 -1.69 5.34
C HIS A 204 -1.78 -1.80 3.84
N GLU A 205 -2.72 -1.34 3.00
CA GLU A 205 -2.57 -1.49 1.56
C GLU A 205 -1.38 -0.70 1.04
N LEU A 206 -1.12 0.46 1.64
CA LEU A 206 0.01 1.28 1.22
C LEU A 206 1.34 0.65 1.62
N VAL A 207 1.37 -0.16 2.70
CA VAL A 207 2.58 -0.88 3.06
C VAL A 207 2.89 -1.89 1.96
N HIS A 208 1.86 -2.61 1.50
CA HIS A 208 2.01 -3.51 0.36
C HIS A 208 2.57 -2.75 -0.84
N SER A 209 2.06 -1.53 -1.10
CA SER A 209 2.49 -0.78 -2.28
C SER A 209 3.96 -0.36 -2.14
N MET A 210 4.36 -0.04 -0.91
CA MET A 210 5.76 0.30 -0.63
C MET A 210 6.66 -0.90 -0.89
N HIS A 211 6.26 -2.10 -0.45
CA HIS A 211 7.06 -3.28 -0.68
C HIS A 211 7.19 -3.55 -2.18
N ASN A 212 6.06 -3.42 -2.91
CA ASN A 212 6.04 -3.60 -4.36
C ASN A 212 6.98 -2.61 -5.03
N LEU A 213 6.93 -1.34 -4.59
CA LEU A 213 7.70 -0.28 -5.20
C LEU A 213 9.20 -0.56 -5.14
N TYR A 214 9.65 -1.14 -4.03
CA TYR A 214 11.07 -1.40 -3.84
C TYR A 214 11.41 -2.85 -4.16
N GLY A 215 10.40 -3.62 -4.60
CA GLY A 215 10.61 -4.99 -5.05
C GLY A 215 10.96 -5.93 -3.90
N ILE A 216 10.46 -5.63 -2.69
CA ILE A 216 10.76 -6.42 -1.50
C ILE A 216 9.49 -7.03 -0.91
N ALA A 217 8.48 -7.29 -1.77
CA ALA A 217 7.26 -7.95 -1.32
C ALA A 217 7.41 -9.47 -1.39
N PHE A 218 8.01 -10.05 -0.35
CA PHE A 218 8.37 -11.47 -0.39
C PHE A 218 7.16 -12.33 -0.07
N PRO A 219 6.82 -13.31 -0.93
CA PRO A 219 5.67 -14.19 -0.70
C PRO A 219 5.90 -15.41 0.20
N ASP A 220 7.19 -15.67 0.52
CA ASP A 220 7.63 -16.88 1.19
C ASP A 220 6.73 -17.21 2.38
N ASN A 221 6.17 -18.43 2.38
CA ASN A 221 5.37 -18.91 3.50
C ASN A 221 6.24 -19.06 4.75
N VAL A 222 5.73 -18.57 5.88
CA VAL A 222 6.38 -18.74 7.17
C VAL A 222 5.31 -19.23 8.14
N LYS A 223 5.75 -19.97 9.17
CA LYS A 223 4.85 -20.43 10.21
C LYS A 223 4.51 -19.24 11.10
N VAL A 224 3.25 -19.18 11.55
CA VAL A 224 2.80 -18.16 12.48
C VAL A 224 2.50 -18.84 13.81
N PRO A 225 2.60 -18.14 14.95
CA PRO A 225 2.24 -18.72 16.25
C PRO A 225 0.85 -19.34 16.23
N TYR A 226 0.72 -20.52 16.85
CA TYR A 226 -0.58 -21.17 17.08
C TYR A 226 -1.56 -20.17 17.66
N ASN A 227 -2.82 -20.27 17.24
CA ASN A 227 -3.90 -19.44 17.76
C ASN A 227 -4.98 -20.36 18.32
N ALA A 228 -5.12 -20.37 19.65
CA ALA A 228 -6.04 -21.23 20.36
C ALA A 228 -7.46 -21.13 19.79
N LEU A 229 -7.88 -19.91 19.44
CA LEU A 229 -9.24 -19.67 18.93
C LEU A 229 -9.23 -19.63 17.41
N LYS A 230 -8.57 -20.63 16.80
CA LYS A 230 -8.44 -20.72 15.35
C LYS A 230 -7.92 -22.11 14.98
N ASP A 231 -6.78 -22.48 15.57
CA ASP A 231 -6.12 -23.74 15.27
C ASP A 231 -6.55 -24.79 16.29
N LYS A 232 -6.18 -26.05 16.03
CA LYS A 232 -6.47 -27.16 16.92
C LYS A 232 -5.33 -28.19 16.88
N ASN A 233 -5.13 -28.88 18.01
CA ASN A 233 -4.18 -29.97 18.13
C ASN A 233 -2.77 -29.52 17.77
N LEU A 234 -2.40 -28.30 18.18
CA LEU A 234 -1.06 -27.75 18.00
C LEU A 234 -0.60 -27.86 16.54
N VAL A 235 -1.54 -27.65 15.62
CA VAL A 235 -1.21 -27.50 14.20
C VAL A 235 -1.29 -26.00 13.90
N SER A 236 -0.12 -25.38 13.75
CA SER A 236 -0.04 -23.96 13.44
C SER A 236 -0.32 -23.72 11.96
N GLY A 237 -0.63 -22.46 11.61
CA GLY A 237 -0.84 -22.06 10.23
C GLY A 237 0.42 -21.46 9.62
N GLU A 238 0.33 -21.15 8.32
CA GLU A 238 1.39 -20.48 7.59
C GLU A 238 0.80 -19.27 6.87
N GLU A 239 1.66 -18.30 6.55
CA GLU A 239 1.28 -17.08 5.87
C GLU A 239 2.50 -16.50 5.16
N ALA A 240 2.25 -15.63 4.17
CA ALA A 240 3.31 -14.97 3.42
C ALA A 240 4.05 -13.98 4.32
N LEU A 241 5.38 -13.99 4.23
CA LEU A 241 6.23 -13.16 5.07
C LEU A 241 5.79 -11.68 5.01
N SER A 242 5.59 -11.16 3.78
CA SER A 242 5.28 -9.75 3.61
C SER A 242 3.93 -9.41 4.25
N GLU A 243 3.00 -10.36 4.22
CA GLU A 243 1.72 -10.17 4.86
C GLU A 243 1.88 -10.02 6.37
N ILE A 244 2.68 -10.91 6.98
CA ILE A 244 2.89 -10.87 8.42
C ILE A 244 3.59 -9.55 8.75
N LEU A 245 4.57 -9.16 7.93
CA LEU A 245 5.27 -7.90 8.13
C LEU A 245 4.29 -6.72 8.05
N THR A 246 3.37 -6.75 7.09
CA THR A 246 2.46 -5.63 6.86
C THR A 246 1.54 -5.44 8.06
N PHE A 247 0.96 -6.55 8.56
CA PHE A 247 0.08 -6.51 9.71
C PHE A 247 0.87 -6.25 10.99
N GLY A 248 1.95 -7.01 11.20
CA GLY A 248 2.79 -6.88 12.38
C GLY A 248 2.11 -7.45 13.63
N GLY A 249 2.45 -6.89 14.79
CA GLY A 249 1.94 -7.38 16.06
C GLY A 249 2.59 -8.70 16.46
N LYS A 250 1.84 -9.53 17.21
CA LYS A 250 2.37 -10.73 17.83
C LYS A 250 2.73 -11.78 16.78
N ASP A 251 2.00 -11.80 15.65
CA ASP A 251 2.23 -12.77 14.61
C ASP A 251 3.64 -12.62 14.01
N LEU A 252 4.20 -11.40 14.07
CA LEU A 252 5.50 -11.12 13.49
C LEU A 252 6.56 -11.38 14.55
N THR A 253 7.44 -12.37 14.29
CA THR A 253 8.44 -12.81 15.26
C THR A 253 9.80 -12.22 14.88
N THR A 254 10.73 -12.28 15.85
CA THR A 254 12.09 -11.82 15.63
C THR A 254 12.75 -12.66 14.55
N GLU A 255 12.34 -13.92 14.43
CA GLU A 255 12.84 -14.82 13.41
C GLU A 255 12.34 -14.43 12.02
N HIS A 256 11.06 -14.04 11.94
CA HIS A 256 10.51 -13.56 10.68
C HIS A 256 11.37 -12.40 10.16
N LEU A 257 11.79 -11.53 11.09
CA LEU A 257 12.54 -10.34 10.74
C LEU A 257 13.96 -10.70 10.29
N GLU A 258 14.51 -11.80 10.82
CA GLU A 258 15.82 -12.25 10.40
C GLU A 258 15.72 -12.88 9.02
N THR A 259 14.63 -13.60 8.75
CA THR A 259 14.35 -14.11 7.41
C THR A 259 14.30 -12.93 6.44
N LEU A 260 13.69 -11.82 6.87
CA LEU A 260 13.53 -10.63 6.06
C LEU A 260 14.89 -9.99 5.77
N TRP A 261 15.72 -9.88 6.81
CA TRP A 261 17.08 -9.37 6.66
C TRP A 261 17.82 -10.20 5.62
N LYS A 262 17.70 -11.53 5.73
CA LYS A 262 18.38 -12.46 4.84
C LYS A 262 17.90 -12.26 3.40
N LYS A 263 16.58 -12.25 3.21
CA LYS A 263 16.00 -12.05 1.89
C LYS A 263 16.48 -10.71 1.30
N LEU A 264 16.53 -9.66 2.11
CA LEU A 264 16.97 -8.35 1.64
C LEU A 264 18.39 -8.43 1.12
N ALA A 265 19.28 -9.08 1.87
CA ALA A 265 20.68 -9.18 1.51
C ALA A 265 20.85 -9.97 0.22
N GLU A 266 20.12 -11.08 0.09
CA GLU A 266 20.12 -11.86 -1.14
C GLU A 266 19.67 -10.99 -2.32
N THR A 267 18.63 -10.18 -2.10
CA THR A 267 18.04 -9.39 -3.17
C THR A 267 19.03 -8.33 -3.66
N VAL A 268 19.71 -7.67 -2.71
CA VAL A 268 20.67 -6.63 -3.04
C VAL A 268 21.83 -7.22 -3.84
N ILE A 269 22.27 -8.43 -3.45
CA ILE A 269 23.33 -9.12 -4.15
C ILE A 269 22.91 -9.33 -5.61
N ILE A 270 21.68 -9.83 -5.78
CA ILE A 270 21.15 -10.16 -7.10
C ILE A 270 20.97 -8.89 -7.94
N VAL A 271 20.45 -7.82 -7.35
CA VAL A 271 20.15 -6.62 -8.11
C VAL A 271 21.44 -5.89 -8.44
N LYS A 272 22.40 -5.90 -7.51
CA LYS A 272 23.72 -5.36 -7.77
C LYS A 272 24.29 -5.91 -9.08
N ASP A 273 24.15 -7.24 -9.27
CA ASP A 273 24.70 -7.90 -10.43
C ASP A 273 23.98 -7.44 -11.70
N PHE A 274 22.70 -7.08 -11.56
CA PHE A 274 21.86 -6.70 -12.68
C PHE A 274 22.21 -5.28 -13.15
N VAL A 275 22.38 -4.33 -12.22
CA VAL A 275 22.54 -2.94 -12.59
C VAL A 275 24.02 -2.57 -12.79
N LYS A 276 24.94 -3.53 -12.63
CA LYS A 276 26.37 -3.23 -12.58
C LYS A 276 26.87 -2.67 -13.91
N THR A 277 26.12 -2.91 -15.01
CA THR A 277 26.54 -2.47 -16.34
C THR A 277 26.19 -1.01 -16.62
N ASP A 278 25.47 -0.31 -15.72
CA ASP A 278 24.97 1.01 -16.06
C ASP A 278 24.96 1.94 -14.85
N THR A 279 25.65 3.07 -14.98
CA THR A 279 25.80 4.03 -13.90
C THR A 279 24.44 4.55 -13.45
N GLN A 280 23.62 4.99 -14.41
CA GLN A 280 22.35 5.62 -14.12
C GLN A 280 21.43 4.62 -13.39
N ALA A 281 21.31 3.40 -13.95
CA ALA A 281 20.51 2.35 -13.33
C ALA A 281 21.00 2.05 -11.92
N LYS A 282 22.32 1.97 -11.75
CA LYS A 282 22.91 1.67 -10.46
C LYS A 282 22.61 2.78 -9.47
N ASP A 283 22.65 4.04 -9.92
CA ASP A 283 22.41 5.19 -9.07
C ASP A 283 20.98 5.17 -8.52
N VAL A 284 20.01 4.78 -9.36
CA VAL A 284 18.63 4.69 -8.92
C VAL A 284 18.53 3.68 -7.78
N PHE A 285 19.14 2.50 -7.98
CA PHE A 285 19.16 1.45 -6.97
C PHE A 285 19.73 1.98 -5.66
N LEU A 286 20.88 2.66 -5.74
CA LEU A 286 21.54 3.20 -4.56
C LEU A 286 20.66 4.26 -3.88
N ASN A 287 19.97 5.08 -4.66
CA ASN A 287 19.04 6.05 -4.11
C ASN A 287 17.97 5.34 -3.28
N ASN A 288 17.40 4.27 -3.83
CA ASN A 288 16.38 3.49 -3.15
C ASN A 288 16.93 2.99 -1.83
N LEU A 289 18.16 2.45 -1.84
CA LEU A 289 18.76 1.88 -0.64
C LEU A 289 18.97 2.96 0.42
N ARG A 290 19.37 4.17 0.00
CA ARG A 290 19.51 5.29 0.92
C ARG A 290 18.21 5.61 1.64
N PHE A 291 17.08 5.58 0.91
CA PHE A 291 15.79 5.91 1.48
C PHE A 291 15.31 4.81 2.44
N LEU A 292 15.44 3.56 1.99
CA LEU A 292 15.04 2.42 2.79
C LEU A 292 15.87 2.32 4.07
N SER A 293 17.17 2.60 3.98
CA SER A 293 18.10 2.37 5.09
C SER A 293 18.24 3.60 5.98
N LYS A 294 17.77 4.77 5.51
CA LYS A 294 17.97 6.03 6.20
C LYS A 294 19.45 6.36 6.36
N ASN A 295 20.30 5.80 5.49
CA ASN A 295 21.74 6.03 5.56
C ASN A 295 22.21 6.61 4.22
N GLU A 296 22.59 7.89 4.23
CA GLU A 296 23.09 8.56 3.04
C GLU A 296 24.36 7.86 2.54
N ASN A 297 25.09 7.21 3.44
CA ASN A 297 26.40 6.63 3.12
C ASN A 297 26.32 5.12 2.89
N ILE A 298 25.12 4.56 2.66
CA ILE A 298 25.01 3.12 2.44
C ILE A 298 25.85 2.73 1.23
N LYS A 299 26.51 1.56 1.33
CA LYS A 299 27.36 1.02 0.28
C LYS A 299 26.96 -0.43 0.02
N ILE A 300 27.29 -0.92 -1.19
CA ILE A 300 27.07 -2.32 -1.54
C ILE A 300 28.34 -2.90 -2.20
N ASP A 301 29.50 -2.32 -1.86
CA ASP A 301 30.77 -2.70 -2.47
C ASP A 301 31.13 -4.12 -2.07
N THR A 302 30.99 -4.45 -0.77
CA THR A 302 31.34 -5.77 -0.29
C THR A 302 30.11 -6.44 0.30
N ILE A 303 30.21 -7.77 0.52
CA ILE A 303 29.19 -8.54 1.21
C ILE A 303 28.88 -7.88 2.54
N GLU A 304 29.93 -7.45 3.26
CA GLU A 304 29.77 -6.87 4.59
C GLU A 304 28.94 -5.58 4.50
N ASP A 305 29.22 -4.74 3.51
CA ASP A 305 28.47 -3.51 3.31
C ASP A 305 26.99 -3.82 3.11
N ILE A 306 26.71 -4.83 2.28
CA ILE A 306 25.34 -5.24 1.97
C ILE A 306 24.65 -5.74 3.24
N VAL A 307 25.32 -6.60 4.02
CA VAL A 307 24.73 -7.16 5.23
C VAL A 307 24.41 -6.04 6.20
N ASN A 308 25.32 -5.07 6.34
CA ASN A 308 25.15 -3.95 7.25
C ASN A 308 24.03 -3.04 6.74
N GLY A 309 24.04 -2.74 5.44
CA GLY A 309 23.05 -1.88 4.83
C GLY A 309 21.63 -2.44 4.99
N THR A 310 21.46 -3.74 4.69
CA THR A 310 20.14 -4.36 4.71
C THR A 310 19.64 -4.54 6.14
N LEU A 311 20.56 -4.56 7.12
CA LEU A 311 20.19 -4.56 8.53
C LEU A 311 19.44 -3.27 8.84
N LYS A 312 19.99 -2.14 8.38
CA LYS A 312 19.35 -0.84 8.59
C LYS A 312 17.98 -0.80 7.90
N ILE A 313 17.89 -1.42 6.72
CA ILE A 313 16.64 -1.48 5.97
C ILE A 313 15.60 -2.27 6.77
N LYS A 314 15.98 -3.45 7.27
CA LYS A 314 15.07 -4.27 8.06
C LYS A 314 14.57 -3.47 9.25
N ASN A 315 15.50 -2.84 9.98
CA ASN A 315 15.14 -2.10 11.18
C ASN A 315 14.16 -0.99 10.83
N ASN A 316 14.40 -0.31 9.70
CA ASN A 316 13.67 0.90 9.35
C ASN A 316 12.23 0.56 8.98
N ILE A 317 12.01 -0.54 8.24
CA ILE A 317 10.69 -0.90 7.73
C ILE A 317 9.98 -1.86 8.69
N SER A 318 10.66 -2.31 9.75
CA SER A 318 10.07 -3.25 10.69
C SER A 318 8.97 -2.60 11.53
N ASN A 319 8.98 -1.27 11.63
CA ASN A 319 7.96 -0.57 12.39
C ASN A 319 6.83 -0.07 11.48
N LEU A 320 6.90 -0.31 10.16
CA LEU A 320 5.81 0.10 9.28
C LEU A 320 4.80 -1.03 9.17
N THR A 321 4.00 -1.20 10.23
CA THR A 321 3.03 -2.28 10.32
C THR A 321 1.71 -1.68 10.79
N GLU A 322 0.62 -2.37 10.47
CA GLU A 322 -0.71 -1.89 10.81
C GLU A 322 -0.84 -1.79 12.33
N CYS A 323 -0.24 -2.75 13.06
CA CYS A 323 -0.28 -2.78 14.52
C CYS A 323 0.51 -1.61 15.12
N GLU A 324 1.69 -1.31 14.55
CA GLU A 324 2.49 -0.19 15.03
C GLU A 324 1.75 1.12 14.83
N PHE A 325 1.17 1.31 13.63
CA PHE A 325 0.40 2.50 13.33
C PHE A 325 -0.75 2.64 14.33
N CYS A 326 -1.49 1.54 14.53
CA CYS A 326 -2.61 1.53 15.46
C CYS A 326 -2.15 1.96 16.85
N LYS A 327 -1.07 1.34 17.35
CA LYS A 327 -0.49 1.69 18.64
C LYS A 327 -0.27 3.20 18.72
N GLU A 328 0.31 3.77 17.66
CA GLU A 328 0.68 5.18 17.67
C GLU A 328 -0.57 6.06 17.73
N ILE A 329 -1.67 5.64 17.10
CA ILE A 329 -2.91 6.40 17.13
C ILE A 329 -3.46 6.41 18.56
N GLY A 330 -3.41 5.26 19.23
CA GLY A 330 -3.62 5.18 20.67
C GLY A 330 -5.06 4.84 21.05
N ASP A 331 -6.04 5.39 20.32
CA ASP A 331 -7.44 5.32 20.74
C ASP A 331 -8.29 4.60 19.70
N VAL A 332 -7.69 3.64 18.96
CA VAL A 332 -8.45 2.85 18.00
C VAL A 332 -8.14 1.37 18.25
N ARG A 333 -9.06 0.51 17.83
CA ARG A 333 -8.96 -0.92 18.07
C ARG A 333 -8.62 -1.65 16.77
N ILE A 334 -7.79 -2.70 16.93
CA ILE A 334 -7.41 -3.60 15.86
C ILE A 334 -7.59 -5.03 16.37
N ARG A 335 -7.91 -5.97 15.48
CA ARG A 335 -8.00 -7.37 15.85
C ARG A 335 -6.61 -7.89 16.23
N THR A 336 -6.57 -8.98 17.00
CA THR A 336 -5.32 -9.44 17.61
C THR A 336 -4.45 -10.13 16.56
N ARG A 337 -5.06 -11.00 15.74
CA ARG A 337 -4.34 -11.80 14.76
C ARG A 337 -4.81 -11.44 13.35
N TYR A 338 -3.89 -11.54 12.39
CA TYR A 338 -4.18 -11.28 10.99
C TYR A 338 -5.24 -12.28 10.50
N ALA A 339 -5.06 -13.55 10.88
CA ALA A 339 -5.96 -14.61 10.46
C ALA A 339 -7.32 -14.46 11.15
N VAL A 340 -8.38 -14.43 10.34
CA VAL A 340 -9.74 -14.46 10.83
C VAL A 340 -10.48 -15.61 10.16
N HIS A 341 -11.37 -16.26 10.91
CA HIS A 341 -12.31 -17.19 10.33
C HIS A 341 -13.54 -16.40 9.93
N SER A 342 -14.12 -16.74 8.77
CA SER A 342 -15.08 -15.89 8.08
C SER A 342 -16.44 -15.84 8.79
N GLU A 343 -16.51 -16.42 9.99
CA GLU A 343 -17.75 -16.44 10.78
C GLU A 343 -17.77 -15.25 11.75
N ASP A 344 -16.68 -14.46 11.76
CA ASP A 344 -16.54 -13.34 12.68
C ASP A 344 -16.73 -12.01 11.95
N VAL A 345 -17.00 -12.07 10.63
CA VAL A 345 -16.94 -10.91 9.76
C VAL A 345 -18.34 -10.43 9.42
N THR A 346 -18.55 -9.10 9.51
CA THR A 346 -19.84 -8.47 9.21
C THR A 346 -19.63 -7.24 8.33
N PRO A 347 -20.20 -7.19 7.11
CA PRO A 347 -20.12 -6.00 6.25
C PRO A 347 -20.91 -4.82 6.82
N VAL A 348 -20.43 -3.60 6.55
CA VAL A 348 -21.11 -2.39 6.99
C VAL A 348 -20.98 -1.33 5.90
N GLU A 349 -21.93 -0.39 5.93
CA GLU A 349 -21.86 0.83 5.16
C GLU A 349 -21.78 1.99 6.14
N VAL A 350 -20.89 2.94 5.85
CA VAL A 350 -20.71 4.11 6.69
C VAL A 350 -21.68 5.19 6.21
N VAL A 351 -22.51 5.69 7.13
CA VAL A 351 -23.46 6.75 6.83
C VAL A 351 -22.76 8.09 7.02
N ASP A 352 -22.91 8.98 6.04
CA ASP A 352 -22.42 10.35 6.13
C ASP A 352 -20.99 10.35 6.68
N PHE A 353 -20.11 9.68 5.95
CA PHE A 353 -18.72 9.50 6.34
C PHE A 353 -18.12 10.84 6.76
N LYS A 354 -18.38 11.89 5.97
CA LYS A 354 -17.68 13.16 6.13
C LYS A 354 -17.96 13.80 7.49
N ASN A 355 -19.13 13.51 8.09
CA ASN A 355 -19.49 14.08 9.38
C ASN A 355 -19.22 13.10 10.52
N ASN A 356 -19.05 11.81 10.20
CA ASN A 356 -18.92 10.78 11.23
C ASN A 356 -17.49 10.28 11.36
N TYR A 357 -16.60 10.63 10.42
CA TYR A 357 -15.21 10.22 10.48
C TYR A 357 -14.34 11.45 10.20
N LYS A 358 -13.49 11.80 11.16
CA LYS A 358 -12.81 13.08 11.14
C LYS A 358 -11.29 12.90 11.19
N LEU A 359 -10.62 13.87 10.58
CA LEU A 359 -9.17 13.89 10.44
C LEU A 359 -8.48 13.57 11.76
N ASN A 360 -8.90 14.25 12.85
CA ASN A 360 -8.19 14.16 14.12
C ASN A 360 -8.78 13.10 15.03
N SER A 361 -9.98 12.59 14.71
CA SER A 361 -10.72 11.77 15.65
C SER A 361 -10.87 10.33 15.19
N GLY A 362 -10.88 10.10 13.87
CA GLY A 362 -11.45 8.88 13.33
C GLY A 362 -12.97 8.88 13.52
N PHE A 363 -13.54 7.69 13.76
CA PHE A 363 -14.96 7.56 13.99
C PHE A 363 -15.32 8.28 15.29
N LEU A 364 -16.31 9.17 15.24
CA LEU A 364 -16.57 10.09 16.34
C LEU A 364 -17.11 9.35 17.58
N GLU A 365 -17.83 8.23 17.38
CA GLU A 365 -18.32 7.44 18.50
C GLU A 365 -17.68 6.06 18.49
N GLY A 366 -16.50 5.93 17.87
CA GLY A 366 -15.75 4.69 17.92
C GLY A 366 -16.27 3.67 16.92
N GLN A 367 -15.76 2.44 17.02
CA GLN A 367 -15.84 1.48 15.93
C GLN A 367 -16.87 0.39 16.18
N ASP A 368 -17.66 0.52 17.25
CA ASP A 368 -18.64 -0.50 17.57
C ASP A 368 -19.71 -0.53 16.49
N ILE A 369 -20.10 -1.74 16.06
CA ILE A 369 -21.00 -1.93 14.94
C ILE A 369 -22.39 -1.36 15.24
N SER A 370 -22.75 -1.25 16.53
CA SER A 370 -24.08 -0.80 16.92
C SER A 370 -24.27 0.70 16.70
N LYS A 371 -23.18 1.45 16.50
CA LYS A 371 -23.28 2.89 16.30
C LYS A 371 -24.16 3.20 15.08
N LYS A 372 -24.80 4.36 15.11
CA LYS A 372 -25.90 4.69 14.21
C LYS A 372 -25.39 4.84 12.78
N TYR A 373 -24.12 5.24 12.63
CA TYR A 373 -23.57 5.59 11.33
C TYR A 373 -23.01 4.36 10.63
N PHE A 374 -23.27 3.17 11.18
CA PHE A 374 -22.97 1.90 10.51
C PHE A 374 -24.28 1.19 10.18
N ILE A 375 -24.47 0.85 8.90
CA ILE A 375 -25.58 0.04 8.46
C ILE A 375 -25.10 -1.39 8.25
N THR A 376 -25.69 -2.34 8.97
CA THR A 376 -25.25 -3.73 8.94
C THR A 376 -25.87 -4.42 7.73
N ASN A 377 -25.04 -5.24 7.05
CA ASN A 377 -25.47 -6.00 5.88
C ASN A 377 -26.10 -5.05 4.86
N PRO A 378 -25.31 -4.18 4.20
CA PRO A 378 -25.85 -3.10 3.36
C PRO A 378 -26.64 -3.59 2.15
N PRO A 379 -27.53 -2.75 1.56
CA PRO A 379 -28.11 -3.02 0.25
C PRO A 379 -27.03 -3.15 -0.84
#